data_6CIA
#
_entry.id   6CIA
#
_cell.length_a   83.626
_cell.length_b   83.626
_cell.length_c   72.834
_cell.angle_alpha   90.00
_cell.angle_beta   90.00
_cell.angle_gamma   120.00
#
_symmetry.space_group_name_H-M   'P 32 2 1'
#
loop_
_entity.id
_entity.type
_entity.pdbx_description
1 polymer 'Aldo/keto reductase'
2 non-polymer 'NADPH DIHYDRO-NICOTINAMIDE-ADENINE-DINUCLEOTIDE PHOSPHATE'
3 water water
#
_entity_poly.entity_id   1
_entity_poly.type   'polypeptide(L)'
_entity_poly.pdbx_seq_one_letter_code
;SMVKKTVRFGEQAAVPAIGLGTWYMGEHAAQRQQEVAALRAGIDHGLTVIDTAEMYADGGAEEVVGQAIRGLRDRVVLVS
KVYPWHAGKAAMHRACENSLRRLQTDYLDMYLLHWRGDIPLQETVEAMEKLVAEGKIRRWGVSNLDTEDMQALWRTADGE
HCATNQVLYHLASRGIEYDLLPWCQQHSLPVMAYCPLAQAGRLRDGLFQHSDIINMANARGITVAQLLLAWVIRHPGVLA
IPKAASIEHVVQNAAALDIVLSGEELAQLDRLYPPPQRKTRLDMV
;
_entity_poly.pdbx_strand_id   A
#
# COMPACT_ATOMS: atom_id res chain seq x y z
N MET A 2 12.77 -19.93 8.23
CA MET A 2 12.88 -19.28 6.88
C MET A 2 13.14 -17.77 6.97
N VAL A 3 13.69 -17.23 5.88
CA VAL A 3 14.02 -15.82 5.77
C VAL A 3 12.75 -14.97 5.84
N LYS A 4 12.82 -13.88 6.60
CA LYS A 4 11.65 -13.02 6.80
C LYS A 4 11.38 -12.28 5.50
N LYS A 5 10.09 -12.03 5.21
CA LYS A 5 9.71 -11.31 3.99
C LYS A 5 9.73 -9.82 4.24
N THR A 6 10.76 -9.15 3.74
CA THR A 6 10.87 -7.69 3.81
C THR A 6 10.97 -6.98 2.45
N VAL A 7 10.89 -5.66 2.48
CA VAL A 7 10.99 -4.81 1.30
C VAL A 7 11.81 -3.58 1.69
N ARG A 8 12.75 -3.17 0.82
CA ARG A 8 13.41 -1.86 0.93
C ARG A 8 12.38 -0.82 0.54
N PHE A 9 12.07 0.08 1.48
CA PHE A 9 10.97 1.03 1.32
C PHE A 9 11.39 2.42 1.83
N GLY A 10 11.70 3.31 0.90
CA GLY A 10 12.15 4.65 1.23
C GLY A 10 13.50 4.59 1.91
N GLU A 11 13.62 5.30 3.04
CA GLU A 11 14.81 5.22 3.87
C GLU A 11 14.85 3.94 4.74
N GLN A 12 13.76 3.19 4.82
CA GLN A 12 13.68 1.95 5.62
C GLN A 12 14.20 0.76 4.81
N ALA A 13 15.26 0.13 5.31
CA ALA A 13 15.98 -0.86 4.52
C ALA A 13 15.25 -2.20 4.37
N ALA A 14 14.36 -2.50 5.29
CA ALA A 14 13.72 -3.82 5.35
C ALA A 14 12.44 -3.74 6.19
N VAL A 15 11.37 -3.20 5.62
CA VAL A 15 10.07 -3.21 6.32
C VAL A 15 9.42 -4.58 6.08
N PRO A 16 8.58 -5.05 7.00
CA PRO A 16 7.86 -6.25 6.71
C PRO A 16 6.93 -6.00 5.52
N ALA A 17 6.78 -7.04 4.71
CA ALA A 17 6.09 -6.96 3.45
C ALA A 17 4.55 -6.93 3.57
N ILE A 18 3.98 -7.01 4.78
CA ILE A 18 2.57 -6.71 5.01
C ILE A 18 2.43 -5.51 5.93
N GLY A 19 1.72 -4.48 5.46
CA GLY A 19 1.43 -3.26 6.26
C GLY A 19 -0.05 -3.15 6.62
N LEU A 20 -0.45 -1.96 7.08
CA LEU A 20 -1.76 -1.72 7.63
C LEU A 20 -2.48 -0.65 6.81
N GLY A 21 -3.52 -1.03 6.07
CA GLY A 21 -4.38 -0.10 5.36
C GLY A 21 -5.39 0.55 6.29
N THR A 22 -5.87 1.73 5.91
CA THR A 22 -6.85 2.49 6.71
C THR A 22 -8.08 3.05 5.98
N TRP A 23 -8.33 2.59 4.76
CA TRP A 23 -9.50 3.04 3.98
C TRP A 23 -10.75 2.47 4.65
N TYR A 24 -11.73 3.33 4.92
CA TYR A 24 -12.93 3.00 5.72
C TYR A 24 -12.66 2.93 7.26
N MET A 25 -11.52 3.44 7.72
CA MET A 25 -11.35 3.84 9.12
C MET A 25 -11.62 5.33 9.22
N GLY A 26 -11.91 5.83 10.41
CA GLY A 26 -12.20 7.24 10.62
C GLY A 26 -13.57 7.68 10.13
N GLU A 27 -14.35 6.74 9.61
CA GLU A 27 -15.67 7.00 9.05
C GLU A 27 -16.65 7.03 10.20
N HIS A 28 -16.64 5.95 11.00
CA HIS A 28 -17.57 5.75 12.12
C HIS A 28 -16.97 6.15 13.51
N ALA A 29 -17.33 7.34 14.02
CA ALA A 29 -16.72 7.90 15.26
C ALA A 29 -16.90 7.09 16.58
N ALA A 30 -17.92 6.23 16.63
CA ALA A 30 -18.06 5.26 17.71
C ALA A 30 -17.16 4.02 17.54
N GLN A 31 -16.43 3.92 16.42
CA GLN A 31 -15.50 2.81 16.18
CA GLN A 31 -15.49 2.82 16.16
C GLN A 31 -14.03 3.25 16.33
N ARG A 32 -13.81 4.51 16.72
CA ARG A 32 -12.48 5.09 16.94
C ARG A 32 -11.54 4.18 17.78
N GLN A 33 -11.93 3.91 19.01
CA GLN A 33 -11.14 3.11 19.95
C GLN A 33 -10.85 1.71 19.42
N GLN A 34 -11.84 1.11 18.77
CA GLN A 34 -11.68 -0.18 18.11
C GLN A 34 -10.59 -0.14 17.00
N GLU A 35 -10.59 0.95 16.23
CA GLU A 35 -9.67 1.17 15.12
C GLU A 35 -8.24 1.41 15.64
N VAL A 36 -8.13 2.23 16.67
CA VAL A 36 -6.88 2.42 17.38
C VAL A 36 -6.28 1.07 17.84
N ALA A 37 -7.12 0.23 18.44
CA ALA A 37 -6.68 -1.10 18.90
C ALA A 37 -6.28 -2.03 17.76
N ALA A 38 -6.99 -1.98 16.64
CA ALA A 38 -6.64 -2.77 15.48
C ALA A 38 -5.30 -2.39 14.94
N LEU A 39 -5.03 -1.09 14.82
CA LEU A 39 -3.73 -0.63 14.37
C LEU A 39 -2.65 -1.02 15.39
N ARG A 40 -2.94 -0.77 16.66
CA ARG A 40 -2.00 -1.13 17.72
C ARG A 40 -1.71 -2.63 17.79
N ALA A 41 -2.67 -3.49 17.52
CA ALA A 41 -2.41 -4.94 17.47
C ALA A 41 -1.46 -5.30 16.33
N GLY A 42 -1.60 -4.62 15.19
CA GLY A 42 -0.72 -4.83 14.04
C GLY A 42 0.72 -4.48 14.31
N ILE A 43 0.90 -3.34 14.97
CA ILE A 43 2.23 -2.89 15.36
C ILE A 43 2.83 -3.90 16.35
N ASP A 44 2.03 -4.24 17.37
CA ASP A 44 2.34 -5.30 18.34
C ASP A 44 2.83 -6.60 17.73
N HIS A 45 2.23 -6.96 16.60
CA HIS A 45 2.52 -8.23 15.93
C HIS A 45 3.58 -8.07 14.84
N GLY A 46 4.27 -6.92 14.86
CA GLY A 46 5.44 -6.70 14.02
C GLY A 46 5.23 -6.00 12.68
N LEU A 47 4.01 -5.56 12.35
CA LEU A 47 3.79 -4.76 11.13
C LEU A 47 4.13 -3.31 11.41
N THR A 48 4.82 -2.64 10.48
CA THR A 48 5.28 -1.26 10.71
C THR A 48 4.70 -0.23 9.75
N VAL A 49 4.43 -0.63 8.51
CA VAL A 49 3.91 0.31 7.50
C VAL A 49 2.41 0.55 7.73
N ILE A 50 2.06 1.81 7.96
CA ILE A 50 0.67 2.28 8.03
C ILE A 50 0.42 3.18 6.83
N ASP A 51 -0.58 2.81 6.00
CA ASP A 51 -0.97 3.57 4.75
C ASP A 51 -2.32 4.29 5.00
N THR A 52 -2.31 5.61 4.85
CA THR A 52 -3.53 6.42 4.90
C THR A 52 -3.51 7.44 3.75
N ALA A 53 -4.41 8.43 3.80
CA ALA A 53 -4.54 9.44 2.75
C ALA A 53 -5.45 10.55 3.22
N GLU A 54 -5.31 11.76 2.66
CA GLU A 54 -6.25 12.84 3.00
C GLU A 54 -7.70 12.50 2.61
N MET A 55 -7.88 11.79 1.52
CA MET A 55 -9.22 11.37 1.07
C MET A 55 -10.01 10.57 2.11
N TYR A 56 -9.33 9.70 2.86
CA TYR A 56 -10.01 8.65 3.59
C TYR A 56 -10.86 9.23 4.73
N ALA A 57 -12.18 9.09 4.58
CA ALA A 57 -13.16 9.73 5.46
C ALA A 57 -12.89 11.23 5.65
N ASP A 58 -12.45 11.86 4.57
CA ASP A 58 -12.22 13.30 4.52
C ASP A 58 -11.34 13.82 5.68
N GLY A 59 -10.25 13.10 5.96
CA GLY A 59 -9.34 13.42 7.08
C GLY A 59 -9.50 12.53 8.32
N GLY A 60 -10.64 11.86 8.44
CA GLY A 60 -10.91 10.98 9.56
C GLY A 60 -9.88 9.88 9.82
N ALA A 61 -9.55 9.09 8.78
CA ALA A 61 -8.55 8.03 8.91
C ALA A 61 -7.26 8.56 9.51
N GLU A 62 -6.80 9.69 9.01
CA GLU A 62 -5.57 10.29 9.47
C GLU A 62 -5.65 10.65 10.95
N GLU A 63 -6.82 11.10 11.40
CA GLU A 63 -7.01 11.42 12.83
C GLU A 63 -6.94 10.20 13.74
N VAL A 64 -7.52 9.10 13.27
CA VAL A 64 -7.50 7.82 13.97
C VAL A 64 -6.08 7.31 14.07
N VAL A 65 -5.39 7.29 12.93
CA VAL A 65 -3.98 6.89 12.90
C VAL A 65 -3.20 7.77 13.85
N GLY A 66 -3.50 9.06 13.87
CA GLY A 66 -2.83 9.98 14.78
C GLY A 66 -2.91 9.61 16.24
N GLN A 67 -4.11 9.27 16.71
CA GLN A 67 -4.28 8.82 18.10
C GLN A 67 -3.59 7.44 18.34
N ALA A 68 -3.69 6.55 17.35
CA ALA A 68 -3.13 5.22 17.47
C ALA A 68 -1.61 5.24 17.57
N ILE A 69 -0.95 6.15 16.86
CA ILE A 69 0.53 6.20 16.89
C ILE A 69 1.13 7.11 17.95
N ARG A 70 0.29 7.72 18.80
CA ARG A 70 0.80 8.51 19.92
C ARG A 70 1.62 7.63 20.87
N GLY A 71 2.87 8.04 21.09
CA GLY A 71 3.83 7.25 21.88
C GLY A 71 4.53 6.14 21.08
N LEU A 72 4.20 6.02 19.79
CA LEU A 72 4.68 4.92 18.96
C LEU A 72 5.26 5.40 17.64
N ARG A 73 5.58 6.69 17.51
CA ARG A 73 6.01 7.25 16.23
C ARG A 73 7.27 6.56 15.70
N ASP A 74 8.19 6.27 16.63
CA ASP A 74 9.43 5.51 16.36
C ASP A 74 9.19 4.01 16.09
N ARG A 75 7.95 3.53 16.15
CA ARG A 75 7.61 2.15 15.74
C ARG A 75 6.99 1.97 14.38
N VAL A 76 6.63 3.07 13.72
CA VAL A 76 5.84 3.01 12.52
C VAL A 76 6.51 3.69 11.32
N VAL A 77 6.14 3.21 10.15
CA VAL A 77 6.51 3.75 8.87
C VAL A 77 5.24 4.32 8.25
N LEU A 78 5.10 5.63 8.37
CA LEU A 78 3.86 6.33 8.10
C LEU A 78 3.84 6.86 6.68
N VAL A 79 2.89 6.35 5.90
CA VAL A 79 2.63 6.79 4.52
C VAL A 79 1.27 7.47 4.44
N SER A 80 1.22 8.69 3.90
CA SER A 80 -0.04 9.30 3.50
C SER A 80 0.08 9.78 2.06
N LYS A 81 -0.97 10.48 1.59
CA LYS A 81 -1.15 10.79 0.18
C LYS A 81 -1.85 12.14 -0.04
N VAL A 82 -1.65 12.69 -1.24
CA VAL A 82 -2.19 13.99 -1.64
C VAL A 82 -2.99 13.81 -2.93
N TYR A 83 -4.25 14.23 -2.89
CA TYR A 83 -5.09 14.37 -4.06
C TYR A 83 -4.33 15.05 -5.23
N PRO A 84 -4.53 14.56 -6.49
CA PRO A 84 -3.86 15.16 -7.65
C PRO A 84 -4.01 16.67 -7.77
N TRP A 85 -5.19 17.17 -7.43
CA TRP A 85 -5.48 18.61 -7.50
C TRP A 85 -4.77 19.46 -6.43
N HIS A 86 -4.27 18.81 -5.39
CA HIS A 86 -3.46 19.50 -4.36
C HIS A 86 -1.93 19.34 -4.58
N ALA A 87 -1.51 18.73 -5.69
CA ALA A 87 -0.12 18.24 -5.84
C ALA A 87 0.80 19.17 -6.63
N GLY A 88 0.65 20.49 -6.44
CA GLY A 88 1.45 21.49 -7.15
C GLY A 88 1.76 22.65 -6.21
N LYS A 89 2.47 23.66 -6.71
CA LYS A 89 2.88 24.82 -5.92
C LYS A 89 1.73 25.38 -5.09
N ALA A 90 0.57 25.55 -5.74
CA ALA A 90 -0.55 26.29 -5.15
C ALA A 90 -1.29 25.58 -3.99
N ALA A 91 -0.99 24.30 -3.74
CA ALA A 91 -1.63 23.57 -2.65
C ALA A 91 -0.83 22.45 -1.92
N MET A 92 0.38 22.10 -2.37
CA MET A 92 1.09 20.94 -1.82
C MET A 92 1.47 21.09 -0.34
N HIS A 93 2.04 22.24 0.01
CA HIS A 93 2.49 22.50 1.36
C HIS A 93 1.33 22.42 2.35
N ARG A 94 0.22 23.05 1.97
CA ARG A 94 -0.98 23.13 2.79
C ARG A 94 -1.65 21.77 3.02
N ALA A 95 -1.77 20.95 1.99
CA ALA A 95 -2.34 19.61 2.12
C ALA A 95 -1.48 18.70 3.01
N CYS A 96 -0.15 18.85 2.92
CA CYS A 96 0.78 18.10 3.74
C CYS A 96 0.71 18.57 5.19
N GLU A 97 0.81 19.87 5.39
CA GLU A 97 0.61 20.50 6.70
C GLU A 97 -0.69 20.01 7.38
N ASN A 98 -1.79 19.98 6.62
CA ASN A 98 -3.06 19.49 7.17
C ASN A 98 -3.06 17.98 7.49
N SER A 99 -2.47 17.15 6.61
CA SER A 99 -2.26 15.72 6.92
C SER A 99 -1.47 15.54 8.21
N LEU A 100 -0.34 16.25 8.30
CA LEU A 100 0.56 16.15 9.45
C LEU A 100 -0.13 16.52 10.75
N ARG A 101 -0.93 17.59 10.72
CA ARG A 101 -1.69 18.05 11.88
C ARG A 101 -2.65 16.98 12.38
N ARG A 102 -3.44 16.42 11.48
CA ARG A 102 -4.40 15.37 11.82
C ARG A 102 -3.69 14.10 12.29
N LEU A 103 -2.52 13.80 11.72
CA LEU A 103 -1.67 12.69 12.20
C LEU A 103 -0.96 12.97 13.56
N GLN A 104 -0.97 14.21 14.02
CA GLN A 104 -0.25 14.61 15.25
C GLN A 104 1.22 14.20 15.20
N THR A 105 1.88 14.52 14.09
CA THR A 105 3.31 14.27 13.95
C THR A 105 3.93 15.35 13.08
N ASP A 106 5.24 15.49 13.15
CA ASP A 106 5.93 16.57 12.38
C ASP A 106 6.59 16.10 11.08
N TYR A 107 6.49 14.81 10.77
CA TYR A 107 7.02 14.27 9.52
C TYR A 107 6.27 13.00 9.06
N LEU A 108 6.26 12.80 7.76
CA LEU A 108 5.88 11.53 7.17
C LEU A 108 7.16 10.80 6.75
N ASP A 109 7.13 9.47 6.82
CA ASP A 109 8.18 8.66 6.19
C ASP A 109 8.07 8.63 4.68
N MET A 110 6.85 8.80 4.18
CA MET A 110 6.58 8.68 2.77
C MET A 110 5.29 9.49 2.42
N TYR A 111 5.31 10.22 1.31
CA TYR A 111 4.15 10.98 0.80
C TYR A 111 3.94 10.59 -0.65
N LEU A 112 2.72 10.14 -0.98
CA LEU A 112 2.38 9.66 -2.32
C LEU A 112 1.34 10.52 -3.06
N LEU A 113 1.63 10.91 -4.29
CA LEU A 113 0.61 11.41 -5.21
C LEU A 113 -0.44 10.32 -5.40
N HIS A 114 -1.68 10.60 -4.98
CA HIS A 114 -2.74 9.58 -4.89
C HIS A 114 -3.08 8.97 -6.27
N TRP A 115 -3.10 9.82 -7.29
CA TRP A 115 -3.19 9.38 -8.69
C TRP A 115 -2.86 10.56 -9.59
N ARG A 116 -2.76 10.33 -10.89
CA ARG A 116 -2.28 11.37 -11.78
C ARG A 116 -3.41 12.27 -12.24
N GLY A 117 -3.23 13.57 -12.11
CA GLY A 117 -4.19 14.55 -12.63
C GLY A 117 -3.55 15.50 -13.61
N ASP A 118 -4.04 16.74 -13.63
CA ASP A 118 -3.66 17.73 -14.64
C ASP A 118 -2.43 18.57 -14.31
N ILE A 119 -1.92 18.47 -13.09
CA ILE A 119 -0.69 19.20 -12.71
C ILE A 119 0.50 18.50 -13.39
N PRO A 120 1.37 19.26 -14.11
CA PRO A 120 2.55 18.61 -14.71
C PRO A 120 3.42 17.92 -13.65
N LEU A 121 3.91 16.75 -13.99
CA LEU A 121 4.70 15.94 -13.09
C LEU A 121 5.92 16.70 -12.55
N GLN A 122 6.50 17.56 -13.38
CA GLN A 122 7.63 18.39 -12.97
C GLN A 122 7.30 19.23 -11.74
N GLU A 123 6.17 19.91 -11.80
CA GLU A 123 5.69 20.73 -10.70
C GLU A 123 5.50 19.91 -9.42
N THR A 124 4.86 18.74 -9.55
CA THR A 124 4.63 17.86 -8.43
C THR A 124 5.95 17.41 -7.77
N VAL A 125 6.91 16.98 -8.60
CA VAL A 125 8.22 16.54 -8.11
C VAL A 125 8.99 17.67 -7.39
N GLU A 126 9.02 18.87 -7.97
CA GLU A 126 9.62 20.02 -7.28
C GLU A 126 8.92 20.28 -5.94
N ALA A 127 7.60 20.12 -5.91
CA ALA A 127 6.87 20.35 -4.68
C ALA A 127 7.24 19.30 -3.63
N MET A 128 7.34 18.04 -4.04
CA MET A 128 7.76 16.97 -3.13
C MET A 128 9.18 17.18 -2.61
N GLU A 129 10.12 17.51 -3.51
CA GLU A 129 11.53 17.74 -3.15
C GLU A 129 11.71 18.86 -2.13
N LYS A 130 10.81 19.84 -2.18
CA LYS A 130 10.83 20.94 -1.22
C LYS A 130 10.38 20.45 0.15
N LEU A 131 9.33 19.62 0.20
CA LEU A 131 8.91 18.96 1.46
C LEU A 131 10.02 18.10 2.07
N VAL A 132 10.75 17.38 1.22
CA VAL A 132 11.93 16.60 1.66
C VAL A 132 12.98 17.51 2.26
N ALA A 133 13.28 18.60 1.57
CA ALA A 133 14.30 19.56 2.01
C ALA A 133 13.95 20.22 3.35
N GLU A 134 12.66 20.49 3.55
CA GLU A 134 12.14 21.07 4.80
C GLU A 134 11.98 20.04 5.93
N GLY A 135 12.10 18.75 5.63
CA GLY A 135 12.00 17.68 6.64
C GLY A 135 10.58 17.23 6.97
N LYS A 136 9.62 17.63 6.12
CA LYS A 136 8.20 17.28 6.29
C LYS A 136 7.94 15.83 5.90
N ILE A 137 8.68 15.38 4.89
CA ILE A 137 8.61 13.99 4.44
C ILE A 137 10.03 13.50 4.23
N ARG A 138 10.28 12.22 4.47
CA ARG A 138 11.62 11.62 4.28
CA ARG A 138 11.62 11.64 4.27
C ARG A 138 11.83 11.27 2.81
N ARG A 139 10.78 10.77 2.18
CA ARG A 139 10.77 10.38 0.78
C ARG A 139 9.39 10.62 0.22
N TRP A 140 9.31 10.61 -1.12
CA TRP A 140 8.06 10.72 -1.84
C TRP A 140 7.88 9.57 -2.83
N GLY A 141 6.64 9.37 -3.24
CA GLY A 141 6.26 8.29 -4.15
C GLY A 141 4.91 8.60 -4.83
N VAL A 142 4.38 7.60 -5.51
CA VAL A 142 3.20 7.78 -6.34
C VAL A 142 2.25 6.62 -6.14
N SER A 143 1.04 6.81 -6.64
CA SER A 143 0.05 5.77 -6.63
C SER A 143 -0.76 5.83 -7.92
N ASN A 144 -1.20 4.67 -8.40
CA ASN A 144 -2.08 4.53 -9.58
C ASN A 144 -1.47 5.01 -10.91
N LEU A 145 -0.17 4.79 -11.06
CA LEU A 145 0.58 5.11 -12.28
C LEU A 145 0.91 3.82 -12.98
N ASP A 146 0.68 3.79 -14.29
CA ASP A 146 0.99 2.62 -15.10
C ASP A 146 2.38 2.84 -15.71
N THR A 147 2.85 1.79 -16.43
CA THR A 147 4.21 1.76 -16.97
C THR A 147 4.56 3.07 -17.67
N GLU A 148 3.62 3.58 -18.46
CA GLU A 148 3.82 4.79 -19.25
C GLU A 148 3.92 6.04 -18.36
N ASP A 149 3.12 6.09 -17.30
CA ASP A 149 3.19 7.21 -16.37
C ASP A 149 4.53 7.21 -15.60
N MET A 150 4.99 6.01 -15.22
CA MET A 150 6.29 5.86 -14.55
C MET A 150 7.45 6.30 -15.46
N GLN A 151 7.37 5.95 -16.74
CA GLN A 151 8.39 6.37 -17.71
C GLN A 151 8.38 7.88 -17.88
N ALA A 152 7.19 8.47 -17.92
CA ALA A 152 7.06 9.94 -17.93
C ALA A 152 7.66 10.57 -16.65
N LEU A 153 7.37 9.98 -15.50
CA LEU A 153 7.98 10.41 -14.23
C LEU A 153 9.51 10.34 -14.26
N TRP A 154 10.09 9.24 -14.75
CA TRP A 154 11.57 9.11 -14.84
C TRP A 154 12.26 10.15 -15.76
N ARG A 155 11.53 10.62 -16.77
CA ARG A 155 12.03 11.65 -17.70
CA ARG A 155 12.03 11.63 -17.70
C ARG A 155 12.05 13.04 -17.03
N THR A 156 11.36 13.18 -15.90
CA THR A 156 11.31 14.43 -15.14
CA THR A 156 11.34 14.46 -15.18
C THR A 156 12.56 14.57 -14.27
N ALA A 157 13.05 15.79 -14.09
CA ALA A 157 14.20 16.05 -13.21
C ALA A 157 13.88 15.64 -11.77
N ASP A 158 14.79 14.87 -11.17
CA ASP A 158 14.57 14.21 -9.86
C ASP A 158 13.41 13.21 -9.79
N GLY A 159 12.74 12.88 -10.89
CA GLY A 159 11.68 11.89 -10.85
C GLY A 159 12.13 10.48 -10.49
N GLU A 160 13.41 10.19 -10.67
CA GLU A 160 14.00 8.91 -10.24
C GLU A 160 14.16 8.77 -8.69
N HIS A 161 14.01 9.88 -7.95
CA HIS A 161 13.91 9.82 -6.49
C HIS A 161 12.61 9.17 -5.98
N CYS A 162 11.60 9.01 -6.86
CA CYS A 162 10.36 8.27 -6.51
C CYS A 162 10.68 6.96 -5.78
N ALA A 163 9.98 6.72 -4.68
CA ALA A 163 10.32 5.66 -3.74
C ALA A 163 9.42 4.44 -3.84
N THR A 164 8.18 4.64 -4.29
CA THR A 164 7.27 3.54 -4.47
C THR A 164 6.23 3.91 -5.52
N ASN A 165 5.52 2.89 -6.00
CA ASN A 165 4.29 3.05 -6.80
C ASN A 165 3.22 2.16 -6.15
N GLN A 166 2.15 2.78 -5.67
CA GLN A 166 1.04 2.04 -5.06
C GLN A 166 -0.09 1.79 -6.03
N VAL A 167 -0.36 0.52 -6.32
CA VAL A 167 -1.31 0.09 -7.34
C VAL A 167 -2.12 -1.12 -6.89
N LEU A 168 -3.29 -1.30 -7.52
CA LEU A 168 -4.17 -2.41 -7.17
C LEU A 168 -3.54 -3.70 -7.65
N TYR A 169 -3.56 -4.73 -6.82
CA TYR A 169 -2.99 -6.03 -7.18
C TYR A 169 -3.54 -7.08 -6.25
N HIS A 170 -4.07 -8.16 -6.81
CA HIS A 170 -4.55 -9.32 -6.05
C HIS A 170 -4.71 -10.50 -7.03
N LEU A 171 -5.05 -11.69 -6.51
CA LEU A 171 -5.10 -12.90 -7.36
C LEU A 171 -5.98 -12.75 -8.61
N ALA A 172 -7.14 -12.12 -8.46
CA ALA A 172 -8.08 -11.94 -9.56
C ALA A 172 -7.92 -10.61 -10.33
N SER A 173 -6.78 -9.94 -10.17
CA SER A 173 -6.48 -8.71 -10.90
C SER A 173 -4.96 -8.56 -11.01
N ARG A 174 -4.40 -9.32 -11.93
CA ARG A 174 -2.96 -9.52 -12.10
C ARG A 174 -2.31 -8.62 -13.15
N GLY A 175 -3.05 -7.68 -13.70
CA GLY A 175 -2.62 -6.87 -14.84
C GLY A 175 -1.21 -6.32 -14.77
N ILE A 176 -0.82 -5.89 -13.57
CA ILE A 176 0.49 -5.24 -13.39
C ILE A 176 1.68 -6.17 -13.70
N GLU A 177 1.43 -7.49 -13.71
CA GLU A 177 2.46 -8.48 -14.04
C GLU A 177 3.01 -8.42 -15.43
N TYR A 178 2.23 -7.95 -16.41
CA TYR A 178 2.65 -7.99 -17.82
C TYR A 178 3.84 -7.08 -18.11
N ASP A 179 3.75 -5.84 -17.63
CA ASP A 179 4.77 -4.82 -17.91
C ASP A 179 5.16 -3.90 -16.74
N LEU A 180 4.22 -3.59 -15.84
CA LEU A 180 4.51 -2.69 -14.73
C LEU A 180 5.46 -3.27 -13.66
N LEU A 181 5.13 -4.43 -13.07
CA LEU A 181 6.06 -5.05 -12.12
C LEU A 181 7.45 -5.29 -12.74
N PRO A 182 7.54 -5.82 -13.97
CA PRO A 182 8.89 -5.92 -14.57
C PRO A 182 9.67 -4.60 -14.66
N TRP A 183 9.03 -3.51 -15.09
CA TRP A 183 9.68 -2.19 -15.10
C TRP A 183 10.13 -1.74 -13.70
N CYS A 184 9.25 -1.94 -12.72
CA CYS A 184 9.55 -1.57 -11.35
C CYS A 184 10.76 -2.32 -10.76
N GLN A 185 10.81 -3.63 -11.01
CA GLN A 185 11.96 -4.49 -10.67
C GLN A 185 13.27 -4.01 -11.33
N GLN A 186 13.19 -3.70 -12.62
CA GLN A 186 14.31 -3.13 -13.37
C GLN A 186 14.82 -1.79 -12.84
N HIS A 187 13.96 -1.01 -12.19
CA HIS A 187 14.41 0.25 -11.59
C HIS A 187 14.46 0.21 -10.05
N SER A 188 14.49 -0.99 -9.46
CA SER A 188 14.59 -1.12 -7.99
C SER A 188 13.52 -0.31 -7.20
N LEU A 189 12.29 -0.36 -7.72
CA LEU A 189 11.19 0.39 -7.19
C LEU A 189 10.21 -0.59 -6.55
N PRO A 190 10.02 -0.48 -5.24
CA PRO A 190 9.02 -1.34 -4.60
C PRO A 190 7.61 -0.93 -4.98
N VAL A 191 6.73 -1.92 -5.12
CA VAL A 191 5.32 -1.73 -5.35
C VAL A 191 4.54 -1.96 -4.03
N MET A 192 3.68 -1.02 -3.67
CA MET A 192 2.69 -1.24 -2.64
C MET A 192 1.42 -1.79 -3.29
N ALA A 193 0.97 -2.96 -2.83
CA ALA A 193 -0.22 -3.61 -3.38
C ALA A 193 -1.46 -3.27 -2.54
N TYR A 194 -2.40 -2.53 -3.13
CA TYR A 194 -3.65 -2.18 -2.44
C TYR A 194 -4.82 -3.06 -2.95
N CYS A 195 -5.92 -3.08 -2.19
CA CYS A 195 -6.93 -4.14 -2.27
C CYS A 195 -6.30 -5.51 -2.51
N PRO A 196 -5.44 -5.97 -1.58
CA PRO A 196 -4.78 -7.26 -1.76
C PRO A 196 -5.66 -8.47 -1.47
N LEU A 197 -6.75 -8.26 -0.75
CA LEU A 197 -7.80 -9.26 -0.55
C LEU A 197 -9.01 -9.01 -1.48
N ALA A 198 -8.87 -8.08 -2.43
CA ALA A 198 -10.00 -7.67 -3.31
C ALA A 198 -11.21 -7.18 -2.49
N GLN A 199 -10.93 -6.44 -1.41
CA GLN A 199 -11.96 -5.97 -0.46
C GLN A 199 -12.81 -7.11 0.14
N ALA A 200 -12.09 -8.14 0.59
CA ALA A 200 -12.69 -9.38 1.10
C ALA A 200 -13.70 -10.01 0.14
N GLY A 201 -13.34 -10.00 -1.16
CA GLY A 201 -14.20 -10.54 -2.23
C GLY A 201 -15.34 -9.67 -2.79
N ARG A 202 -15.38 -8.39 -2.43
CA ARG A 202 -16.34 -7.42 -2.99
C ARG A 202 -16.04 -7.09 -4.46
N LEU A 203 -14.75 -7.10 -4.83
CA LEU A 203 -14.34 -6.79 -6.22
C LEU A 203 -14.33 -7.99 -7.18
N ARG A 204 -14.72 -9.18 -6.69
CA ARG A 204 -14.75 -10.39 -7.51
C ARG A 204 -15.75 -11.38 -6.92
N ASP A 205 -16.80 -11.70 -7.66
CA ASP A 205 -17.95 -12.44 -7.10
C ASP A 205 -17.60 -13.81 -6.50
N GLY A 206 -16.83 -14.61 -7.24
CA GLY A 206 -16.51 -15.97 -6.81
C GLY A 206 -15.09 -16.20 -6.32
N LEU A 207 -14.43 -15.16 -5.80
CA LEU A 207 -13.05 -15.30 -5.35
C LEU A 207 -12.98 -16.04 -4.01
N PHE A 208 -13.58 -15.45 -2.98
CA PHE A 208 -13.57 -16.00 -1.62
C PHE A 208 -14.34 -17.31 -1.48
N GLN A 209 -15.28 -17.54 -2.40
CA GLN A 209 -16.17 -18.69 -2.37
C GLN A 209 -15.70 -19.83 -3.29
N HIS A 210 -14.55 -19.64 -3.96
CA HIS A 210 -14.02 -20.63 -4.90
C HIS A 210 -13.71 -21.94 -4.19
N SER A 211 -13.95 -23.04 -4.89
CA SER A 211 -13.92 -24.37 -4.30
C SER A 211 -12.49 -24.84 -4.00
N ASP A 212 -11.64 -24.83 -5.03
CA ASP A 212 -10.23 -25.22 -4.89
C ASP A 212 -9.46 -24.36 -3.86
N ILE A 213 -9.72 -23.06 -3.87
CA ILE A 213 -9.09 -22.11 -2.95
C ILE A 213 -9.38 -22.46 -1.50
N ILE A 214 -10.65 -22.64 -1.18
CA ILE A 214 -11.08 -22.98 0.18
C ILE A 214 -10.41 -24.27 0.67
N ASN A 215 -10.31 -25.28 -0.21
CA ASN A 215 -9.67 -26.56 0.12
C ASN A 215 -8.14 -26.45 0.23
N MET A 216 -7.52 -25.57 -0.56
CA MET A 216 -6.08 -25.30 -0.48
C MET A 216 -5.72 -24.63 0.85
N ALA A 217 -6.56 -23.69 1.27
CA ALA A 217 -6.44 -23.06 2.58
C ALA A 217 -6.61 -24.05 3.73
N ASN A 218 -7.64 -24.87 3.67
CA ASN A 218 -7.93 -25.87 4.72
C ASN A 218 -6.78 -26.85 4.96
N ALA A 219 -6.15 -27.31 3.88
CA ALA A 219 -5.03 -28.27 3.98
C ALA A 219 -3.80 -27.68 4.71
N ARG A 220 -3.61 -26.37 4.57
CA ARG A 220 -2.53 -25.63 5.24
C ARG A 220 -2.89 -25.16 6.66
N GLY A 221 -4.16 -25.25 7.04
CA GLY A 221 -4.65 -24.75 8.34
C GLY A 221 -4.79 -23.23 8.40
N ILE A 222 -4.80 -22.59 7.24
CA ILE A 222 -4.85 -21.13 7.14
C ILE A 222 -6.20 -20.73 6.56
N THR A 223 -6.45 -19.42 6.50
CA THR A 223 -7.70 -18.91 5.93
C THR A 223 -7.49 -18.52 4.47
N VAL A 224 -8.61 -18.28 3.81
CA VAL A 224 -8.62 -17.82 2.42
C VAL A 224 -7.90 -16.48 2.30
N ALA A 225 -8.24 -15.53 3.15
CA ALA A 225 -7.58 -14.21 3.14
C ALA A 225 -6.07 -14.33 3.31
N GLN A 226 -5.63 -15.23 4.19
CA GLN A 226 -4.19 -15.46 4.42
C GLN A 226 -3.51 -16.03 3.16
N LEU A 227 -4.19 -16.99 2.53
CA LEU A 227 -3.72 -17.57 1.26
C LEU A 227 -3.54 -16.49 0.19
N LEU A 228 -4.53 -15.62 0.08
CA LEU A 228 -4.46 -14.52 -0.89
C LEU A 228 -3.39 -13.49 -0.58
N LEU A 229 -3.10 -13.27 0.71
CA LEU A 229 -2.01 -12.36 1.08
C LEU A 229 -0.67 -12.98 0.75
N ALA A 230 -0.47 -14.23 1.15
CA ALA A 230 0.76 -14.92 0.82
C ALA A 230 1.02 -14.84 -0.70
N TRP A 231 -0.03 -15.01 -1.49
CA TRP A 231 0.10 -14.96 -2.94
C TRP A 231 0.66 -13.61 -3.42
N VAL A 232 0.15 -12.52 -2.84
CA VAL A 232 0.58 -11.18 -3.25
C VAL A 232 2.06 -10.96 -3.02
N ILE A 233 2.58 -11.47 -1.89
CA ILE A 233 3.99 -11.23 -1.52
C ILE A 233 4.89 -12.43 -1.83
N ARG A 234 4.46 -13.32 -2.73
CA ARG A 234 5.26 -14.49 -3.11
C ARG A 234 6.59 -14.12 -3.77
N HIS A 235 6.61 -12.97 -4.45
CA HIS A 235 7.83 -12.46 -5.07
C HIS A 235 8.28 -11.19 -4.33
N PRO A 236 9.58 -10.88 -4.37
CA PRO A 236 10.06 -9.71 -3.65
C PRO A 236 9.64 -8.39 -4.30
N GLY A 237 9.77 -7.29 -3.58
CA GLY A 237 9.54 -5.95 -4.12
C GLY A 237 8.08 -5.58 -4.12
N VAL A 238 7.29 -6.29 -3.32
CA VAL A 238 5.86 -6.10 -3.24
C VAL A 238 5.46 -6.04 -1.78
N LEU A 239 4.90 -4.90 -1.40
CA LEU A 239 4.42 -4.65 -0.04
C LEU A 239 2.89 -4.60 -0.04
N ALA A 240 2.23 -5.66 0.43
CA ALA A 240 0.77 -5.66 0.55
C ALA A 240 0.29 -4.79 1.71
N ILE A 241 -0.81 -4.02 1.52
CA ILE A 241 -1.37 -3.22 2.61
C ILE A 241 -2.86 -3.46 2.89
N PRO A 242 -3.20 -4.68 3.34
CA PRO A 242 -4.61 -4.94 3.67
C PRO A 242 -5.10 -4.09 4.83
N LYS A 243 -6.39 -3.74 4.79
CA LYS A 243 -7.03 -3.00 5.87
C LYS A 243 -7.77 -3.97 6.75
N ALA A 244 -7.62 -3.79 8.06
CA ALA A 244 -8.30 -4.63 9.04
C ALA A 244 -8.60 -3.81 10.29
N ALA A 245 -9.86 -3.45 10.46
CA ALA A 245 -10.38 -2.88 11.71
C ALA A 245 -10.74 -3.96 12.77
N SER A 246 -10.68 -5.24 12.37
CA SER A 246 -10.81 -6.38 13.29
C SER A 246 -9.43 -6.92 13.75
N ILE A 247 -9.27 -7.07 15.06
CA ILE A 247 -8.01 -7.58 15.66
C ILE A 247 -7.68 -9.00 15.21
N GLU A 248 -8.69 -9.87 15.24
CA GLU A 248 -8.58 -11.25 14.70
C GLU A 248 -8.01 -11.23 13.28
N HIS A 249 -8.53 -10.35 12.42
CA HIS A 249 -8.01 -10.22 11.06
C HIS A 249 -6.58 -9.71 11.02
N VAL A 250 -6.28 -8.69 11.84
CA VAL A 250 -4.92 -8.13 11.88
C VAL A 250 -3.89 -9.18 12.22
N VAL A 251 -4.19 -9.96 13.24
CA VAL A 251 -3.28 -11.00 13.71
C VAL A 251 -3.04 -12.07 12.64
N GLN A 252 -4.11 -12.47 11.96
CA GLN A 252 -4.04 -13.39 10.80
C GLN A 252 -3.19 -12.85 9.66
N ASN A 253 -3.42 -11.59 9.31
CA ASN A 253 -2.67 -10.93 8.25
C ASN A 253 -1.16 -10.93 8.60
N ALA A 254 -0.82 -10.58 9.83
CA ALA A 254 0.56 -10.63 10.25
C ALA A 254 1.16 -12.04 10.12
N ALA A 255 0.37 -13.06 10.42
CA ALA A 255 0.81 -14.45 10.24
C ALA A 255 0.95 -14.89 8.79
N ALA A 256 0.28 -14.21 7.87
CA ALA A 256 0.48 -14.48 6.44
C ALA A 256 1.95 -14.34 5.97
N LEU A 257 2.73 -13.51 6.66
CA LEU A 257 4.18 -13.39 6.42
C LEU A 257 4.96 -14.70 6.52
N ASP A 258 4.44 -15.68 7.26
CA ASP A 258 5.15 -16.95 7.48
C ASP A 258 4.81 -18.03 6.47
N ILE A 259 3.98 -17.70 5.48
CA ILE A 259 3.43 -18.69 4.56
C ILE A 259 4.18 -18.64 3.23
N VAL A 260 4.82 -19.75 2.87
CA VAL A 260 5.56 -19.89 1.64
C VAL A 260 4.83 -20.93 0.79
N LEU A 261 4.16 -20.48 -0.27
CA LEU A 261 3.35 -21.36 -1.12
C LEU A 261 4.20 -22.19 -2.10
N SER A 262 3.87 -23.47 -2.23
CA SER A 262 4.62 -24.39 -3.13
C SER A 262 4.46 -24.02 -4.61
N GLY A 263 5.40 -24.52 -5.41
CA GLY A 263 5.31 -24.45 -6.88
C GLY A 263 4.08 -25.14 -7.46
N GLU A 264 3.64 -26.23 -6.82
CA GLU A 264 2.38 -26.89 -7.16
C GLU A 264 1.22 -25.92 -6.99
N GLU A 265 1.08 -25.40 -5.78
CA GLU A 265 -0.02 -24.50 -5.40
C GLU A 265 -0.16 -23.25 -6.27
N LEU A 266 0.96 -22.62 -6.62
CA LEU A 266 0.96 -21.42 -7.47
C LEU A 266 0.51 -21.71 -8.92
N ALA A 267 0.97 -22.82 -9.47
CA ALA A 267 0.53 -23.26 -10.79
C ALA A 267 -0.98 -23.57 -10.83
N GLN A 268 -1.49 -24.18 -9.76
CA GLN A 268 -2.94 -24.40 -9.61
C GLN A 268 -3.71 -23.08 -9.61
N LEU A 269 -3.15 -22.08 -8.92
CA LEU A 269 -3.74 -20.75 -8.88
C LEU A 269 -3.63 -20.06 -10.21
N ASP A 270 -2.53 -20.29 -10.94
CA ASP A 270 -2.41 -19.82 -12.33
C ASP A 270 -3.45 -20.44 -13.27
N ARG A 271 -3.88 -21.68 -13.02
CA ARG A 271 -4.97 -22.29 -13.80
C ARG A 271 -6.33 -21.64 -13.52
N LEU A 272 -6.57 -21.22 -12.27
CA LEU A 272 -7.86 -20.65 -11.86
C LEU A 272 -7.97 -19.14 -12.07
N TYR A 273 -6.85 -18.43 -11.92
CA TYR A 273 -6.79 -16.97 -12.16
C TYR A 273 -5.50 -16.63 -12.91
N PRO A 274 -5.48 -16.86 -14.23
CA PRO A 274 -4.23 -16.77 -15.00
C PRO A 274 -3.67 -15.36 -15.16
N PRO A 275 -2.33 -15.26 -15.37
CA PRO A 275 -1.70 -13.96 -15.55
C PRO A 275 -2.09 -13.38 -16.92
N PRO A 276 -1.90 -12.06 -17.11
CA PRO A 276 -2.31 -11.42 -18.36
C PRO A 276 -1.39 -11.82 -19.53
N GLN A 277 -1.96 -11.92 -20.74
CA GLN A 277 -1.17 -12.17 -21.96
C GLN A 277 -1.14 -10.94 -22.88
N ARG A 278 -1.51 -9.77 -22.35
CA ARG A 278 -1.62 -8.56 -23.14
C ARG A 278 -1.44 -7.34 -22.24
N LYS A 279 -0.94 -6.24 -22.78
CA LYS A 279 -0.99 -4.95 -22.07
C LYS A 279 -2.46 -4.64 -21.71
N THR A 280 -2.76 -4.88 -20.44
CA THR A 280 -4.07 -4.68 -19.85
C THR A 280 -4.06 -3.29 -19.22
N ARG A 281 -5.20 -2.61 -19.23
CA ARG A 281 -5.32 -1.29 -18.55
C ARG A 281 -5.22 -1.45 -17.03
N LEU A 282 -4.66 -0.42 -16.39
CA LEU A 282 -4.40 -0.45 -14.95
C LEU A 282 -5.70 -0.48 -14.16
N ASP A 283 -5.91 -1.56 -13.41
CA ASP A 283 -7.14 -1.69 -12.62
C ASP A 283 -7.04 -0.73 -11.44
N MET A 284 -8.16 -0.13 -11.08
CA MET A 284 -8.25 0.75 -9.90
C MET A 284 -9.61 0.57 -9.23
N VAL A 285 -9.65 0.91 -7.95
CA VAL A 285 -10.89 1.05 -7.19
C VAL A 285 -10.89 2.46 -6.62
#